data_5VC3
#
_entry.id   5VC3
#
_cell.length_a   50.520
_cell.length_b   45.230
_cell.length_c   60.440
_cell.angle_alpha   90.000
_cell.angle_beta   102.430
_cell.angle_gamma   90.000
#
_symmetry.space_group_name_H-M   'P 1 21 1'
#
loop_
_entity.id
_entity.type
_entity.pdbx_description
1 polymer 'Wee1-like protein kinase'
2 non-polymer 4-[(2,4-dichloro-5-methoxyphenyl)amino]-6-methoxy-7-[3-(4-methylpiperazin-1-yl)propoxy]quinoline-3-carbonitrile
3 non-polymer 1,2-ETHANEDIOL
4 non-polymer 'CHLORIDE ION'
5 water water
#
_entity_poly.entity_id   1
_entity_poly.type   'polypeptide(L)'
_entity_poly.pdbx_seq_one_letter_code
;GAGSMKSRYTTEFHELEKIGSGEFGSVFKCVKRLDGCIYAIKRSKKPLAGSVDEQNALREVYAHAVLGQHSHVVRYFSAW
AEDDHMLIQNEYCNGGSLADAISENYRIMSYFKEAELKDLLLQVGRGLRYIHSMSLVHMDIKPSNIFISRTSIPNAASEE
GDEDDWASNKVMFKIGDLGHVTRISSPQVEEGDSRFLANEVLQENYTHLPKADIFALALTVVCAAGAEPLPRNGDQWHEI
RQGRLPRIPQVLSQEFTELLKVMIHPDPERRPSAMALVKHSVLLSASRK
;
_entity_poly.pdbx_strand_id   A
#
# COMPACT_ATOMS: atom_id res chain seq x y z
N SER A 7 -9.20 -23.67 19.94
CA SER A 7 -8.99 -22.63 18.95
C SER A 7 -7.55 -22.59 18.51
N ARG A 8 -7.36 -22.70 17.23
CA ARG A 8 -6.00 -22.62 16.68
C ARG A 8 -5.30 -21.35 17.11
N TYR A 9 -6.05 -20.25 17.12
CA TYR A 9 -5.50 -18.93 17.43
C TYR A 9 -4.80 -18.89 18.79
N THR A 10 -5.49 -19.39 19.82
CA THR A 10 -4.92 -19.40 21.17
C THR A 10 -3.94 -20.57 21.36
N THR A 11 -4.09 -21.62 20.57
CA THR A 11 -3.22 -22.79 20.66
C THR A 11 -1.83 -22.48 20.10
N GLU A 12 -1.82 -21.78 18.97
CA GLU A 12 -0.58 -21.55 18.22
C GLU A 12 0.06 -20.22 18.57
N PHE A 13 -0.75 -19.25 18.98
CA PHE A 13 -0.26 -17.90 19.28
C PHE A 13 -0.67 -17.43 20.67
N HIS A 14 0.09 -16.49 21.20
CA HIS A 14 -0.31 -15.75 22.38
C HIS A 14 -0.47 -14.28 22.02
N GLU A 15 -1.65 -13.75 22.28
CA GLU A 15 -1.99 -12.40 21.88
C GLU A 15 -1.36 -11.40 22.86
N LEU A 16 -0.64 -10.42 22.32
CA LEU A 16 0.08 -9.46 23.14
C LEU A 16 -0.70 -8.16 23.30
N GLU A 17 -1.19 -7.62 22.18
CA GLU A 17 -2.07 -6.46 22.24
C GLU A 17 -2.78 -6.23 20.90
N LYS A 18 -3.95 -5.59 20.98
CA LYS A 18 -4.64 -5.11 19.80
C LYS A 18 -3.98 -3.82 19.36
N ILE A 19 -3.60 -3.74 18.08
CA ILE A 19 -2.82 -2.61 17.60
C ILE A 19 -3.55 -1.84 16.50
N GLY A 20 -4.64 -2.43 15.99
CA GLY A 20 -5.45 -1.79 14.98
C GLY A 20 -6.88 -2.28 15.02
N SER A 21 -7.79 -1.38 14.69
CA SER A 21 -9.19 -1.75 14.49
C SER A 21 -9.81 -0.80 13.50
N GLY A 22 -10.58 -1.35 12.57
CA GLY A 22 -11.26 -0.53 11.60
C GLY A 22 -12.36 -1.30 10.89
N GLU A 23 -12.82 -0.70 9.80
CA GLU A 23 -13.91 -1.23 9.00
C GLU A 23 -13.62 -2.63 8.44
N PHE A 24 -12.34 -2.95 8.30
CA PHE A 24 -11.92 -4.19 7.66
C PHE A 24 -11.29 -5.17 8.64
N GLY A 25 -11.54 -4.95 9.92
CA GLY A 25 -11.16 -5.89 10.97
C GLY A 25 -10.19 -5.31 11.98
N SER A 26 -9.80 -6.15 12.92
CA SER A 26 -8.83 -5.76 13.94
C SER A 26 -7.51 -6.50 13.70
N VAL A 27 -6.42 -5.87 14.11
CA VAL A 27 -5.09 -6.44 13.98
C VAL A 27 -4.49 -6.62 15.36
N PHE A 28 -3.93 -7.80 15.61
CA PHE A 28 -3.35 -8.12 16.90
C PHE A 28 -1.87 -8.45 16.73
N LYS A 29 -1.06 -7.90 17.64
CA LYS A 29 0.32 -8.30 17.78
C LYS A 29 0.35 -9.59 18.57
N CYS A 30 0.89 -10.65 17.96
CA CYS A 30 0.89 -11.98 18.56
C CYS A 30 2.26 -12.61 18.50
N VAL A 31 2.62 -13.38 19.52
CA VAL A 31 3.79 -14.22 19.44
C VAL A 31 3.36 -15.64 19.11
N LYS A 32 4.02 -16.25 18.13
CA LYS A 32 3.78 -17.64 17.83
C LYS A 32 4.61 -18.48 18.82
N ARG A 33 3.95 -19.38 19.52
CA ARG A 33 4.57 -20.15 20.58
C ARG A 33 5.76 -20.98 20.09
N LEU A 34 5.65 -21.57 18.91
CA LEU A 34 6.65 -22.52 18.45
C LEU A 34 7.99 -21.85 18.10
N ASP A 35 7.96 -20.70 17.43
CA ASP A 35 9.19 -20.07 16.94
C ASP A 35 9.57 -18.81 17.73
N GLY A 36 8.69 -18.37 18.63
CA GLY A 36 8.96 -17.20 19.44
C GLY A 36 8.95 -15.89 18.65
N CYS A 37 8.46 -15.93 17.41
CA CYS A 37 8.43 -14.74 16.56
C CYS A 37 7.13 -13.96 16.67
N ILE A 38 7.19 -12.68 16.34
CA ILE A 38 6.04 -11.79 16.39
C ILE A 38 5.37 -11.75 15.03
N TYR A 39 4.04 -11.81 15.05
CA TYR A 39 3.24 -11.73 13.83
C TYR A 39 2.08 -10.77 14.02
N ALA A 40 1.69 -10.14 12.92
CA ALA A 40 0.48 -9.33 12.88
C ALA A 40 -0.67 -10.18 12.36
N ILE A 41 -1.67 -10.39 13.19
CA ILE A 41 -2.80 -11.23 12.83
C ILE A 41 -4.05 -10.39 12.71
N LYS A 42 -4.65 -10.42 11.53
CA LYS A 42 -5.89 -9.69 11.27
C LYS A 42 -7.11 -10.59 11.47
N ARG A 43 -8.05 -10.11 12.29
CA ARG A 43 -9.29 -10.82 12.56
C ARG A 43 -10.45 -10.07 11.93
N SER A 44 -11.27 -10.77 11.16
CA SER A 44 -12.38 -10.14 10.46
C SER A 44 -13.55 -11.10 10.30
N LYS A 45 -14.70 -10.54 9.94
CA LYS A 45 -15.89 -11.33 9.62
C LYS A 45 -15.57 -12.32 8.51
N LYS A 46 -15.90 -13.59 8.71
CA LYS A 46 -15.77 -14.58 7.64
C LYS A 46 -16.57 -14.10 6.44
N PRO A 47 -15.90 -13.83 5.31
CA PRO A 47 -16.63 -13.30 4.14
C PRO A 47 -17.76 -14.20 3.65
N LEU A 48 -18.86 -13.56 3.26
CA LEU A 48 -20.00 -14.24 2.67
C LEU A 48 -19.56 -15.06 1.47
N ALA A 49 -19.92 -16.34 1.45
CA ALA A 49 -19.55 -17.21 0.35
C ALA A 49 -20.16 -16.73 -0.97
N GLY A 50 -19.31 -16.50 -1.96
CA GLY A 50 -19.75 -16.03 -3.27
C GLY A 50 -19.70 -14.53 -3.44
N SER A 51 -19.12 -13.83 -2.45
CA SER A 51 -19.16 -12.38 -2.40
C SER A 51 -17.84 -11.70 -2.80
N VAL A 52 -17.90 -10.37 -2.89
CA VAL A 52 -16.71 -9.55 -3.15
C VAL A 52 -15.65 -9.73 -2.07
N ASP A 53 -16.09 -9.82 -0.82
CA ASP A 53 -15.17 -9.95 0.30
C ASP A 53 -14.35 -11.22 0.15
N GLU A 54 -15.05 -12.31 -0.19
CA GLU A 54 -14.40 -13.57 -0.51
C GLU A 54 -13.44 -13.38 -1.69
N GLN A 55 -13.78 -12.50 -2.60
CA GLN A 55 -12.95 -12.26 -3.76
C GLN A 55 -11.69 -11.61 -3.32
N ASN A 56 -11.82 -10.56 -2.53
CA ASN A 56 -10.66 -9.88 -1.96
C ASN A 56 -9.73 -10.86 -1.27
N ALA A 57 -10.30 -11.71 -0.43
CA ALA A 57 -9.53 -12.69 0.33
C ALA A 57 -8.79 -13.64 -0.60
N LEU A 58 -9.43 -14.05 -1.68
CA LEU A 58 -8.81 -14.99 -2.61
C LEU A 58 -7.81 -14.28 -3.52
N ARG A 59 -8.10 -13.03 -3.88
CA ARG A 59 -7.12 -12.22 -4.61
C ARG A 59 -5.84 -12.15 -3.81
N GLU A 60 -5.99 -11.98 -2.51
CA GLU A 60 -4.86 -11.87 -1.62
C GLU A 60 -4.02 -13.15 -1.57
N VAL A 61 -4.67 -14.31 -1.46
CA VAL A 61 -3.93 -15.56 -1.34
C VAL A 61 -3.19 -15.80 -2.65
N TYR A 62 -3.87 -15.57 -3.77
CA TYR A 62 -3.27 -15.78 -5.09
C TYR A 62 -2.05 -14.90 -5.28
N ALA A 63 -2.13 -13.66 -4.84
CA ALA A 63 -1.05 -12.70 -5.01
C ALA A 63 0.21 -13.14 -4.27
N HIS A 64 0.03 -13.50 -3.01
CA HIS A 64 1.16 -13.97 -2.21
C HIS A 64 1.68 -15.30 -2.78
N ALA A 65 0.77 -16.13 -3.28
CA ALA A 65 1.16 -17.40 -3.89
C ALA A 65 2.04 -17.19 -5.12
N VAL A 66 1.72 -16.16 -5.90
CA VAL A 66 2.49 -15.83 -7.10
C VAL A 66 3.79 -15.16 -6.71
N LEU A 67 3.70 -14.18 -5.83
CA LEU A 67 4.84 -13.33 -5.52
C LEU A 67 5.83 -14.06 -4.62
N GLY A 68 5.32 -14.86 -3.70
CA GLY A 68 6.14 -15.46 -2.67
C GLY A 68 6.70 -14.37 -1.78
N GLN A 69 7.87 -14.61 -1.22
CA GLN A 69 8.49 -13.68 -0.29
C GLN A 69 9.30 -12.63 -1.03
N HIS A 70 9.09 -11.37 -0.67
CA HIS A 70 9.86 -10.26 -1.21
C HIS A 70 10.04 -9.24 -0.11
N SER A 71 11.23 -8.64 -0.06
CA SER A 71 11.58 -7.79 1.07
C SER A 71 10.76 -6.50 1.13
N HIS A 72 10.07 -6.15 0.05
CA HIS A 72 9.23 -4.95 0.03
C HIS A 72 7.75 -5.29 -0.09
N VAL A 73 7.41 -6.53 0.22
CA VAL A 73 6.01 -6.96 0.35
C VAL A 73 5.83 -7.64 1.70
N VAL A 74 4.80 -7.24 2.44
CA VAL A 74 4.54 -7.82 3.76
C VAL A 74 4.24 -9.31 3.59
N ARG A 75 4.96 -10.16 4.32
CA ARG A 75 4.79 -11.59 4.17
C ARG A 75 3.45 -12.07 4.70
N TYR A 76 2.94 -13.11 4.05
CA TYR A 76 1.63 -13.69 4.31
C TYR A 76 1.85 -15.17 4.61
N PHE A 77 1.52 -15.59 5.83
CA PHE A 77 1.93 -16.92 6.29
C PHE A 77 0.79 -17.94 6.23
N SER A 78 -0.35 -17.60 6.82
CA SER A 78 -1.44 -18.55 6.89
C SER A 78 -2.78 -17.84 7.09
N ALA A 79 -3.85 -18.52 6.71
CA ALA A 79 -5.20 -18.00 6.84
C ALA A 79 -6.13 -19.13 7.22
N TRP A 80 -7.06 -18.86 8.14
CA TRP A 80 -8.03 -19.86 8.55
C TRP A 80 -9.25 -19.19 9.17
N ALA A 81 -10.21 -19.99 9.59
CA ALA A 81 -11.44 -19.47 10.18
C ALA A 81 -11.77 -20.15 11.50
N GLU A 82 -12.36 -19.38 12.41
CA GLU A 82 -12.90 -19.90 13.66
C GLU A 82 -14.24 -19.23 13.89
N ASP A 83 -15.28 -20.04 14.05
CA ASP A 83 -16.65 -19.54 14.11
C ASP A 83 -16.96 -18.73 12.85
N ASP A 84 -17.44 -17.50 13.02
CA ASP A 84 -17.79 -16.64 11.90
C ASP A 84 -16.72 -15.59 11.65
N HIS A 85 -15.45 -15.97 11.87
CA HIS A 85 -14.35 -15.02 11.68
C HIS A 85 -13.17 -15.59 10.92
N MET A 86 -12.53 -14.73 10.15
CA MET A 86 -11.35 -15.06 9.37
C MET A 86 -10.10 -14.52 10.07
N LEU A 87 -9.10 -15.39 10.24
CA LEU A 87 -7.82 -15.00 10.83
C LEU A 87 -6.73 -15.08 9.78
N ILE A 88 -5.93 -14.03 9.66
CA ILE A 88 -4.81 -14.03 8.72
C ILE A 88 -3.53 -13.63 9.44
N GLN A 89 -2.54 -14.50 9.32
CA GLN A 89 -1.24 -14.32 9.94
C GLN A 89 -0.28 -13.66 8.95
N ASN A 90 0.15 -12.45 9.29
CA ASN A 90 1.06 -11.66 8.46
C ASN A 90 2.36 -11.33 9.20
N GLU A 91 3.37 -10.91 8.43
CA GLU A 91 4.62 -10.39 8.97
C GLU A 91 4.37 -9.14 9.80
N TYR A 92 4.96 -9.07 10.98
CA TYR A 92 4.79 -7.91 11.86
C TYR A 92 5.79 -6.84 11.46
N CYS A 93 5.27 -5.66 11.13
CA CYS A 93 6.10 -4.51 10.80
C CYS A 93 6.08 -3.52 11.96
N ASN A 94 7.14 -3.53 12.75
CA ASN A 94 7.14 -2.90 14.07
C ASN A 94 7.04 -1.38 14.02
N GLY A 95 7.13 -0.81 12.83
CA GLY A 95 7.03 0.62 12.66
C GLY A 95 5.64 1.06 12.23
N GLY A 96 4.74 0.11 12.08
CA GLY A 96 3.35 0.41 11.76
C GLY A 96 3.15 0.81 10.31
N SER A 97 1.97 1.35 10.02
CA SER A 97 1.65 1.83 8.70
C SER A 97 2.21 3.22 8.49
N LEU A 98 2.41 3.58 7.23
CA LEU A 98 2.85 4.93 6.87
C LEU A 98 1.83 5.97 7.31
N ALA A 99 0.55 5.63 7.18
CA ALA A 99 -0.52 6.53 7.60
C ALA A 99 -0.41 6.88 9.08
N ASP A 100 -0.08 5.88 9.91
CA ASP A 100 0.07 6.09 11.34
C ASP A 100 1.35 6.85 11.66
N ALA A 101 2.39 6.65 10.85
CA ALA A 101 3.63 7.38 11.04
C ALA A 101 3.44 8.86 10.68
N ILE A 102 2.68 9.12 9.62
CA ILE A 102 2.36 10.49 9.24
C ILE A 102 1.59 11.18 10.36
N SER A 103 0.62 10.47 10.93
CA SER A 103 -0.17 10.99 12.05
C SER A 103 0.74 11.29 13.23
N GLU A 104 1.76 10.45 13.41
CA GLU A 104 2.71 10.63 14.50
C GLU A 104 3.61 11.83 14.25
N ASN A 105 4.06 11.97 13.00
CA ASN A 105 4.86 13.12 12.60
C ASN A 105 4.14 14.43 12.91
N TYR A 106 2.82 14.44 12.71
CA TYR A 106 2.03 15.63 12.98
C TYR A 106 1.94 15.91 14.48
N ARG A 107 1.70 14.85 15.25
CA ARG A 107 1.56 14.97 16.70
C ARG A 107 2.76 15.66 17.34
N ILE A 108 3.95 15.27 16.91
CA ILE A 108 5.19 15.73 17.54
C ILE A 108 5.96 16.73 16.68
N MET A 109 5.28 17.28 15.67
CA MET A 109 5.87 18.28 14.77
C MET A 109 7.17 17.79 14.13
N SER A 110 7.15 16.54 13.66
CA SER A 110 8.25 16.00 12.88
C SER A 110 7.76 15.81 11.45
N TYR A 111 8.65 15.40 10.56
CA TYR A 111 8.26 15.18 9.17
C TYR A 111 9.32 14.38 8.41
N PHE A 112 8.94 13.90 7.22
CA PHE A 112 9.86 13.24 6.32
C PHE A 112 10.55 14.25 5.43
N LYS A 113 11.84 14.49 5.65
CA LYS A 113 12.59 15.36 4.77
C LYS A 113 12.73 14.70 3.40
N GLU A 114 13.29 15.42 2.44
CA GLU A 114 13.33 14.96 1.05
C GLU A 114 14.09 13.65 0.88
N ALA A 115 15.23 13.52 1.55
CA ALA A 115 16.05 12.32 1.44
C ALA A 115 15.26 11.07 1.83
N GLU A 116 14.39 11.23 2.81
CA GLU A 116 13.60 10.12 3.31
C GLU A 116 12.41 9.85 2.38
N LEU A 117 11.88 10.91 1.76
CA LEU A 117 10.81 10.75 0.78
C LEU A 117 11.31 9.96 -0.42
N LYS A 118 12.51 10.26 -0.88
CA LYS A 118 13.12 9.54 -2.00
C LYS A 118 13.28 8.06 -1.65
N ASP A 119 13.70 7.80 -0.42
CA ASP A 119 13.90 6.43 0.05
C ASP A 119 12.55 5.71 0.05
N LEU A 120 11.51 6.39 0.50
CA LEU A 120 10.16 5.85 0.50
C LEU A 120 9.73 5.51 -0.91
N LEU A 121 9.89 6.49 -1.79
CA LEU A 121 9.51 6.36 -3.19
C LEU A 121 10.31 5.24 -3.87
N LEU A 122 11.58 5.13 -3.53
CA LEU A 122 12.44 4.13 -4.14
C LEU A 122 12.08 2.71 -3.68
N GLN A 123 11.93 2.54 -2.37
CA GLN A 123 11.67 1.22 -1.81
C GLN A 123 10.32 0.64 -2.21
N VAL A 124 9.29 1.47 -2.16
CA VAL A 124 7.96 1.03 -2.56
C VAL A 124 7.98 0.82 -4.07
N GLY A 125 8.77 1.62 -4.76
CA GLY A 125 8.95 1.46 -6.20
C GLY A 125 9.54 0.10 -6.55
N ARG A 126 10.56 -0.31 -5.81
CA ARG A 126 11.14 -1.64 -6.00
C ARG A 126 10.10 -2.72 -5.74
N GLY A 127 9.23 -2.48 -4.76
CA GLY A 127 8.12 -3.39 -4.48
C GLY A 127 7.19 -3.45 -5.68
N LEU A 128 6.84 -2.30 -6.22
CA LEU A 128 5.95 -2.25 -7.38
C LEU A 128 6.61 -2.91 -8.58
N ARG A 129 7.90 -2.66 -8.77
CA ARG A 129 8.64 -3.23 -9.89
C ARG A 129 8.54 -4.75 -9.90
N TYR A 130 8.69 -5.35 -8.72
CA TYR A 130 8.63 -6.79 -8.62
C TYR A 130 7.23 -7.29 -8.92
N ILE A 131 6.24 -6.66 -8.30
CA ILE A 131 4.84 -7.03 -8.48
C ILE A 131 4.47 -6.93 -9.97
N HIS A 132 4.83 -5.83 -10.60
CA HIS A 132 4.51 -5.65 -12.01
C HIS A 132 5.27 -6.66 -12.88
N SER A 133 6.47 -7.03 -12.46
CA SER A 133 7.26 -8.01 -13.21
C SER A 133 6.58 -9.37 -13.26
N MET A 134 5.69 -9.59 -12.30
CA MET A 134 4.95 -10.85 -12.18
C MET A 134 3.55 -10.75 -12.80
N SER A 135 3.36 -9.71 -13.61
CA SER A 135 2.11 -9.49 -14.34
C SER A 135 0.93 -9.24 -13.39
N LEU A 136 1.22 -8.63 -12.25
CA LEU A 136 0.19 -8.24 -11.29
C LEU A 136 0.23 -6.73 -11.06
N VAL A 137 -0.89 -6.17 -10.63
CA VAL A 137 -0.91 -4.78 -10.18
C VAL A 137 -1.59 -4.77 -8.82
N HIS A 138 -1.27 -3.78 -8.00
CA HIS A 138 -1.75 -3.75 -6.62
C HIS A 138 -3.13 -3.11 -6.46
N MET A 139 -3.34 -2.00 -7.18
CA MET A 139 -4.65 -1.31 -7.27
C MET A 139 -5.18 -0.72 -5.96
N ASP A 140 -4.33 -0.59 -4.95
CA ASP A 140 -4.78 0.07 -3.72
C ASP A 140 -3.61 0.64 -2.92
N ILE A 141 -2.61 1.15 -3.63
CA ILE A 141 -1.49 1.80 -2.97
C ILE A 141 -1.98 3.06 -2.28
N LYS A 142 -1.67 3.16 -0.99
CA LYS A 142 -1.98 4.34 -0.18
C LYS A 142 -1.23 4.19 1.15
N PRO A 143 -1.09 5.29 1.91
CA PRO A 143 -0.28 5.25 3.14
C PRO A 143 -0.69 4.17 4.14
N SER A 144 -1.98 3.88 4.26
CA SER A 144 -2.43 2.86 5.19
C SER A 144 -2.06 1.45 4.74
N ASN A 145 -1.53 1.32 3.52
CA ASN A 145 -1.15 0.01 2.97
C ASN A 145 0.36 -0.10 2.77
N ILE A 146 1.09 0.91 3.24
CA ILE A 146 2.54 0.86 3.29
C ILE A 146 2.92 0.69 4.75
N PHE A 147 3.80 -0.28 5.01
CA PHE A 147 4.23 -0.57 6.37
C PHE A 147 5.73 -0.39 6.53
N ILE A 148 6.13 -0.20 7.78
CA ILE A 148 7.47 0.19 8.14
C ILE A 148 8.08 -0.86 9.07
N SER A 149 9.22 -1.41 8.66
CA SER A 149 9.99 -2.34 9.48
C SER A 149 11.35 -1.74 9.78
N ARG A 150 11.65 -1.54 11.06
CA ARG A 150 12.92 -0.96 11.51
C ARG A 150 13.73 -1.74 12.52
N THR A 151 14.95 -1.24 12.72
CA THR A 151 15.87 -1.85 13.68
C THR A 151 15.32 -1.82 15.09
N LYS A 170 18.01 2.49 8.38
CA LYS A 170 17.51 1.59 9.42
C LYS A 170 16.07 1.17 9.14
N VAL A 171 15.57 1.45 7.94
CA VAL A 171 14.14 1.36 7.66
C VAL A 171 13.82 0.62 6.36
N MET A 172 12.82 -0.26 6.43
CA MET A 172 12.30 -0.99 5.28
C MET A 172 10.82 -0.70 5.06
N PHE A 173 10.47 -0.20 3.88
CA PHE A 173 9.07 0.00 3.53
C PHE A 173 8.54 -1.24 2.80
N LYS A 174 7.34 -1.67 3.16
CA LYS A 174 6.76 -2.89 2.62
C LYS A 174 5.31 -2.69 2.18
N ILE A 175 4.96 -3.22 1.01
CA ILE A 175 3.60 -3.15 0.49
C ILE A 175 2.71 -4.22 1.12
N GLY A 176 1.62 -3.80 1.74
CA GLY A 176 0.68 -4.73 2.36
C GLY A 176 -0.67 -4.71 1.67
N ASP A 177 -1.60 -5.50 2.20
CA ASP A 177 -2.98 -5.56 1.75
C ASP A 177 -3.10 -5.86 0.25
N LEU A 178 -2.96 -7.13 -0.12
CA LEU A 178 -2.96 -7.53 -1.51
C LEU A 178 -4.37 -7.92 -1.97
N GLY A 179 -5.37 -7.41 -1.27
CA GLY A 179 -6.75 -7.80 -1.52
C GLY A 179 -7.30 -7.35 -2.86
N HIS A 180 -6.69 -6.31 -3.44
CA HIS A 180 -7.12 -5.75 -4.71
C HIS A 180 -6.22 -6.16 -5.87
N VAL A 181 -5.20 -6.96 -5.57
CA VAL A 181 -4.27 -7.38 -6.61
C VAL A 181 -5.01 -8.14 -7.71
N THR A 182 -4.72 -7.78 -8.96
CA THR A 182 -5.27 -8.49 -10.11
C THR A 182 -4.24 -8.61 -11.24
N ARG A 183 -4.55 -9.46 -12.20
CA ARG A 183 -3.67 -9.71 -13.35
C ARG A 183 -3.83 -8.62 -14.42
N ILE A 184 -2.71 -8.15 -14.96
CA ILE A 184 -2.75 -7.14 -16.02
C ILE A 184 -3.44 -7.71 -17.26
N SER A 185 -3.04 -8.93 -17.65
CA SER A 185 -3.76 -9.66 -18.68
C SER A 185 -5.06 -10.17 -18.07
N SER A 186 -6.19 -9.61 -18.52
CA SER A 186 -7.51 -9.98 -18.03
C SER A 186 -7.66 -9.64 -16.55
N PRO A 187 -7.83 -8.35 -16.24
CA PRO A 187 -7.96 -7.84 -14.87
C PRO A 187 -9.39 -7.85 -14.32
N GLN A 188 -9.51 -8.06 -13.01
CA GLN A 188 -10.76 -7.82 -12.29
C GLN A 188 -10.54 -6.70 -11.28
N VAL A 189 -11.03 -5.51 -11.61
CA VAL A 189 -10.76 -4.32 -10.82
C VAL A 189 -11.78 -4.08 -9.73
N GLU A 190 -11.33 -4.21 -8.48
CA GLU A 190 -12.01 -3.61 -7.35
C GLU A 190 -11.33 -2.28 -7.09
N GLU A 191 -11.93 -1.20 -7.57
CA GLU A 191 -11.27 0.10 -7.59
C GLU A 191 -10.86 0.57 -6.19
N GLY A 192 -9.63 1.07 -6.09
CA GLY A 192 -9.06 1.46 -4.81
C GLY A 192 -9.67 2.73 -4.24
N ASP A 193 -9.03 3.24 -3.19
CA ASP A 193 -9.44 4.49 -2.55
C ASP A 193 -9.56 5.61 -3.58
N SER A 194 -10.68 6.31 -3.56
CA SER A 194 -10.96 7.35 -4.55
C SER A 194 -9.94 8.49 -4.50
N ARG A 195 -9.32 8.68 -3.34
CA ARG A 195 -8.37 9.77 -3.17
C ARG A 195 -7.02 9.52 -3.85
N PHE A 196 -6.75 8.26 -4.19
CA PHE A 196 -5.48 7.87 -4.77
C PHE A 196 -5.65 7.29 -6.17
N LEU A 197 -6.89 7.29 -6.64
CA LEU A 197 -7.27 6.62 -7.87
C LEU A 197 -7.01 7.50 -9.11
N ALA A 198 -6.29 6.94 -10.08
CA ALA A 198 -6.06 7.61 -11.36
C ALA A 198 -7.37 7.75 -12.11
N ASN A 199 -7.52 8.84 -12.87
CA ASN A 199 -8.76 9.12 -13.57
C ASN A 199 -9.13 8.02 -14.58
N GLU A 200 -8.14 7.49 -15.28
CA GLU A 200 -8.41 6.51 -16.33
C GLU A 200 -9.03 5.23 -15.76
N VAL A 201 -8.69 4.90 -14.52
CA VAL A 201 -9.26 3.72 -13.87
C VAL A 201 -10.71 4.03 -13.51
N LEU A 202 -10.94 5.24 -13.00
CA LEU A 202 -12.29 5.71 -12.72
C LEU A 202 -13.12 5.68 -14.01
N GLN A 203 -12.46 5.92 -15.14
CA GLN A 203 -13.12 5.89 -16.44
C GLN A 203 -13.28 4.46 -16.96
N GLU A 204 -12.95 3.50 -16.11
CA GLU A 204 -13.08 2.08 -16.41
C GLU A 204 -12.19 1.68 -17.57
N ASN A 205 -11.12 2.44 -17.76
CA ASN A 205 -10.05 2.08 -18.69
C ASN A 205 -8.97 1.28 -17.95
N TYR A 206 -8.92 -0.02 -18.23
CA TYR A 206 -8.03 -0.94 -17.50
C TYR A 206 -6.88 -1.41 -18.37
N THR A 207 -6.40 -0.54 -19.26
CA THR A 207 -5.41 -0.94 -20.26
C THR A 207 -3.96 -0.62 -19.85
N HIS A 208 -3.80 0.23 -18.84
CA HIS A 208 -2.47 0.62 -18.35
C HIS A 208 -2.40 0.60 -16.83
N LEU A 209 -2.92 -0.47 -16.23
CA LEU A 209 -3.11 -0.51 -14.78
C LEU A 209 -1.82 -0.35 -13.96
N PRO A 210 -0.66 -0.75 -14.50
CA PRO A 210 0.53 -0.54 -13.66
C PRO A 210 0.80 0.93 -13.39
N LYS A 211 0.36 1.80 -14.31
CA LYS A 211 0.57 3.23 -14.17
C LYS A 211 -0.40 3.83 -13.15
N ALA A 212 -1.43 3.09 -12.79
CA ALA A 212 -2.33 3.48 -11.72
C ALA A 212 -1.66 3.35 -10.35
N ASP A 213 -0.89 2.27 -10.17
CA ASP A 213 -0.07 2.10 -8.99
C ASP A 213 0.90 3.26 -8.86
N ILE A 214 1.54 3.62 -9.98
CA ILE A 214 2.51 4.71 -9.99
C ILE A 214 1.87 6.02 -9.55
N PHE A 215 0.71 6.34 -10.13
CA PHE A 215 -0.06 7.52 -9.76
C PHE A 215 -0.34 7.53 -8.26
N ALA A 216 -0.73 6.39 -7.73
CA ALA A 216 -1.12 6.27 -6.34
C ALA A 216 0.10 6.42 -5.42
N LEU A 217 1.24 5.91 -5.87
CA LEU A 217 2.48 6.03 -5.10
C LEU A 217 2.91 7.49 -4.95
N ALA A 218 2.77 8.27 -6.03
CA ALA A 218 3.11 9.68 -5.98
C ALA A 218 2.31 10.39 -4.90
N LEU A 219 0.99 10.18 -4.91
CA LEU A 219 0.11 10.83 -3.95
C LEU A 219 0.33 10.33 -2.53
N THR A 220 0.81 9.08 -2.42
CA THR A 220 1.18 8.50 -1.14
C THR A 220 2.38 9.24 -0.56
N VAL A 221 3.35 9.54 -1.42
CA VAL A 221 4.54 10.29 -1.02
C VAL A 221 4.14 11.72 -0.71
N VAL A 222 3.17 12.24 -1.45
CA VAL A 222 2.69 13.59 -1.25
C VAL A 222 2.06 13.75 0.14
N CYS A 223 1.31 12.74 0.57
CA CYS A 223 0.74 12.74 1.92
C CYS A 223 1.86 12.72 2.96
N ALA A 224 2.85 11.86 2.72
CA ALA A 224 3.97 11.69 3.63
C ALA A 224 4.79 12.96 3.73
N ALA A 225 4.79 13.74 2.65
CA ALA A 225 5.55 14.99 2.60
C ALA A 225 4.85 16.09 3.40
N GLY A 226 3.61 15.82 3.82
CA GLY A 226 2.89 16.73 4.71
C GLY A 226 1.80 17.53 4.02
N ALA A 227 1.34 17.04 2.88
CA ALA A 227 0.25 17.70 2.16
C ALA A 227 -1.04 17.58 2.96
N GLU A 228 -2.01 18.42 2.62
CA GLU A 228 -3.32 18.38 3.25
C GLU A 228 -4.03 17.07 2.89
N PRO A 229 -4.95 16.59 3.75
CA PRO A 229 -5.73 15.40 3.38
C PRO A 229 -6.29 15.50 1.96
N LEU A 230 -6.19 14.43 1.19
CA LEU A 230 -6.51 14.49 -0.22
C LEU A 230 -8.02 14.46 -0.46
N PRO A 231 -8.48 15.11 -1.54
CA PRO A 231 -9.91 15.19 -1.83
C PRO A 231 -10.46 13.89 -2.39
N ARG A 232 -11.72 13.60 -2.10
CA ARG A 232 -12.36 12.36 -2.53
C ARG A 232 -13.12 12.61 -3.82
N ASN A 233 -13.36 13.90 -4.12
CA ASN A 233 -14.15 14.31 -5.27
C ASN A 233 -14.14 15.84 -5.36
N GLY A 234 -14.82 16.38 -6.37
CA GLY A 234 -14.94 17.83 -6.51
C GLY A 234 -13.77 18.45 -7.26
N ASP A 235 -13.65 19.77 -7.16
CA ASP A 235 -12.64 20.52 -7.90
C ASP A 235 -11.21 20.06 -7.64
N GLN A 236 -10.82 20.04 -6.37
CA GLN A 236 -9.46 19.67 -5.98
C GLN A 236 -9.07 18.31 -6.55
N TRP A 237 -10.03 17.39 -6.57
CA TRP A 237 -9.79 16.06 -7.09
C TRP A 237 -9.40 16.13 -8.57
N HIS A 238 -10.23 16.78 -9.37
CA HIS A 238 -9.99 16.87 -10.80
C HIS A 238 -8.70 17.64 -11.10
N GLU A 239 -8.43 18.69 -10.32
CA GLU A 239 -7.22 19.48 -10.51
C GLU A 239 -5.97 18.62 -10.42
N ILE A 240 -5.98 17.65 -9.51
CA ILE A 240 -4.86 16.75 -9.34
C ILE A 240 -4.73 15.83 -10.56
N ARG A 241 -5.87 15.35 -11.06
CA ARG A 241 -5.88 14.47 -12.22
C ARG A 241 -5.59 15.26 -13.50
N GLN A 242 -5.61 16.59 -13.40
CA GLN A 242 -5.11 17.43 -14.49
C GLN A 242 -3.58 17.47 -14.44
N GLY A 243 -3.01 16.85 -13.40
CA GLY A 243 -1.57 16.78 -13.25
C GLY A 243 -1.01 17.81 -12.28
N ARG A 244 -1.89 18.48 -11.54
CA ARG A 244 -1.47 19.48 -10.57
C ARG A 244 -1.14 18.84 -9.22
N LEU A 245 0.10 19.03 -8.78
CA LEU A 245 0.54 18.45 -7.53
C LEU A 245 -0.06 19.20 -6.33
N PRO A 246 -0.62 18.47 -5.35
CA PRO A 246 -1.14 19.16 -4.15
C PRO A 246 -0.07 20.00 -3.45
N ARG A 247 -0.49 21.06 -2.79
CA ARG A 247 0.43 21.90 -2.10
C ARG A 247 1.20 21.16 -0.98
N ILE A 248 2.52 21.24 -1.02
CA ILE A 248 3.35 20.64 0.04
C ILE A 248 4.11 21.74 0.77
N PRO A 249 3.99 21.80 2.12
CA PRO A 249 4.58 22.94 2.82
C PRO A 249 6.11 22.93 2.90
N GLN A 250 6.73 21.76 2.94
CA GLN A 250 8.19 21.71 3.07
C GLN A 250 8.85 21.92 1.72
N VAL A 251 10.01 22.57 1.73
CA VAL A 251 10.74 22.84 0.51
C VAL A 251 11.33 21.57 -0.06
N LEU A 252 11.03 21.31 -1.32
CA LEU A 252 11.57 20.17 -2.04
C LEU A 252 12.25 20.65 -3.30
N SER A 253 13.25 19.89 -3.73
CA SER A 253 13.99 20.14 -4.93
C SER A 253 13.06 20.05 -6.11
N GLN A 254 13.26 20.92 -7.07
CA GLN A 254 12.37 20.99 -8.19
C GLN A 254 12.46 19.74 -9.01
N GLU A 255 13.63 19.13 -8.98
CA GLU A 255 13.85 17.91 -9.70
C GLU A 255 13.00 16.86 -9.04
N PHE A 256 12.86 16.94 -7.72
CA PHE A 256 12.08 15.91 -7.06
C PHE A 256 10.59 16.17 -7.27
N THR A 257 10.20 17.43 -7.17
CA THR A 257 8.81 17.80 -7.35
C THR A 257 8.33 17.52 -8.77
N GLU A 258 9.23 17.66 -9.75
CA GLU A 258 8.87 17.39 -11.13
C GLU A 258 8.66 15.89 -11.34
N LEU A 259 9.42 15.09 -10.61
CA LEU A 259 9.28 13.64 -10.66
C LEU A 259 7.91 13.21 -10.13
N LEU A 260 7.51 13.78 -9.01
CA LEU A 260 6.19 13.49 -8.47
C LEU A 260 5.11 13.95 -9.44
N LYS A 261 5.38 15.06 -10.12
CA LYS A 261 4.42 15.64 -11.05
C LYS A 261 4.19 14.75 -12.28
N VAL A 262 5.27 14.21 -12.85
CA VAL A 262 5.12 13.39 -14.05
C VAL A 262 4.47 12.05 -13.68
N MET A 263 4.60 11.64 -12.41
CA MET A 263 3.98 10.41 -11.93
C MET A 263 2.46 10.53 -11.84
N ILE A 264 1.95 11.76 -11.83
CA ILE A 264 0.50 11.97 -11.84
C ILE A 264 0.07 12.64 -13.15
N HIS A 265 0.88 12.44 -14.19
CA HIS A 265 0.56 12.95 -15.52
C HIS A 265 -0.76 12.37 -15.98
N PRO A 266 -1.65 13.20 -16.55
CA PRO A 266 -2.97 12.69 -16.96
C PRO A 266 -2.88 11.56 -17.99
N ASP A 267 -1.84 11.59 -18.82
CA ASP A 267 -1.58 10.52 -19.77
C ASP A 267 -0.78 9.42 -19.06
N PRO A 268 -1.40 8.25 -18.84
CA PRO A 268 -0.71 7.20 -18.07
C PRO A 268 0.61 6.78 -18.71
N GLU A 269 0.66 6.85 -20.04
CA GLU A 269 1.84 6.41 -20.79
C GLU A 269 3.05 7.31 -20.53
N ARG A 270 2.80 8.54 -20.08
CA ARG A 270 3.88 9.46 -19.80
C ARG A 270 4.44 9.26 -18.39
N ARG A 271 3.71 8.54 -17.55
CA ARG A 271 4.18 8.24 -16.21
C ARG A 271 5.29 7.19 -16.27
N PRO A 272 6.32 7.35 -15.44
CA PRO A 272 7.37 6.31 -15.42
C PRO A 272 6.82 4.96 -14.97
N SER A 273 7.32 3.89 -15.58
CA SER A 273 7.04 2.55 -15.10
C SER A 273 7.78 2.33 -13.80
N ALA A 274 7.44 1.28 -13.08
CA ALA A 274 8.14 0.93 -11.85
C ALA A 274 9.62 0.70 -12.12
N MET A 275 9.90 -0.13 -13.12
CA MET A 275 11.29 -0.42 -13.47
C MET A 275 12.01 0.86 -13.87
N ALA A 276 11.30 1.79 -14.48
CA ALA A 276 11.91 3.06 -14.87
C ALA A 276 12.10 3.94 -13.64
N LEU A 277 11.15 3.85 -12.71
CA LEU A 277 11.20 4.63 -11.48
C LEU A 277 12.40 4.25 -10.63
N VAL A 278 12.64 2.95 -10.49
CA VAL A 278 13.71 2.46 -9.63
C VAL A 278 15.08 2.73 -10.25
N LYS A 279 15.12 2.78 -11.59
CA LYS A 279 16.35 3.12 -12.30
C LYS A 279 16.55 4.63 -12.40
N HIS A 280 15.62 5.40 -11.84
CA HIS A 280 15.64 6.85 -12.01
C HIS A 280 16.79 7.50 -11.25
N SER A 281 17.37 8.52 -11.85
CA SER A 281 18.52 9.21 -11.29
C SER A 281 18.22 9.93 -9.98
N VAL A 282 17.08 10.61 -9.93
CA VAL A 282 16.71 11.47 -8.82
C VAL A 282 16.68 10.70 -7.49
N LEU A 283 16.46 9.39 -7.55
CA LEU A 283 16.47 8.57 -6.34
C LEU A 283 17.90 8.08 -6.07
N LEU A 284 18.23 7.80 -4.81
CA LEU A 284 19.62 7.58 -4.37
C LEU A 284 20.46 6.77 -5.35
#